data_1VJV
#
_entry.id   1VJV
#
_cell.length_a   49.231
_cell.length_b   79.449
_cell.length_c   106.339
_cell.angle_alpha   90.00
_cell.angle_beta   90.00
_cell.angle_gamma   90.00
#
_symmetry.space_group_name_H-M   'P 21 21 21'
#
loop_
_entity.id
_entity.type
_entity.pdbx_description
1 polymer 'Ubiquitin carboxyl-terminal hydrolase 6'
2 water water
#
_entity_poly.entity_id   1
_entity_poly.type   'polypeptide(L)'
_entity_poly.pdbx_seq_one_letter_code
;(MSE)GSDKIHHHHHHPEQQVQQFAQLPVGFKN(MSE)GNTCYLNATLQALYRVNDLRD(MSE)ILNYNPSQGVSNSGAQ
DEEIHKQIVIE(MSE)KRCFENLQNKSFKSVLPVVLLNTLRKCYPQFAERDSQGGFYKQQDAEELFTQLFHS(MSE)SIV
FGDKFSEDFRIQFKTTIKDTANDNDITVKENESDSKLQCHISGTTNF(MSE)RNGLLEGLNEKIEKRSDLTGANSIYSVE
KKISRLPKFLTVQYVRFFWKRSTNKKSKILRKVVFPFQLDVAD(MSE)LTPEYAAEKVKVRDELRKVEKEKNEKEREIKR
RKFDPSSSENV(MSE)TPREQYETQVALNESEKDQWLEEYKKHFPPNLEKGENPSCVYNLIGVITHQGANSESGHYQAFI
RDELDENKWYKFNDDKVSVVEKEKIESLAGGGESDSALIL(MSE)YKGFGL
;
_entity_poly.pdbx_strand_id   A
#
# COMPACT_ATOMS: atom_id res chain seq x y z
N GLN A 19 5.46 28.93 9.41
CA GLN A 19 4.49 30.07 9.53
C GLN A 19 3.16 29.75 8.84
N PHE A 20 3.24 29.28 7.59
CA PHE A 20 2.05 29.09 6.72
C PHE A 20 1.74 27.63 6.44
N ALA A 21 2.79 26.83 6.31
CA ALA A 21 2.64 25.39 6.12
C ALA A 21 2.05 24.74 7.39
N GLN A 22 0.89 24.10 7.24
CA GLN A 22 0.22 23.41 8.34
C GLN A 22 0.62 21.93 8.37
N LEU A 23 0.85 21.40 9.58
CA LEU A 23 1.14 19.97 9.76
C LEU A 23 -0.10 19.15 9.46
N PRO A 24 0.04 18.03 8.76
CA PRO A 24 -1.11 17.12 8.62
C PRO A 24 -1.64 16.70 10.00
N VAL A 25 -2.89 16.29 10.08
CA VAL A 25 -3.44 15.88 11.37
C VAL A 25 -3.58 14.36 11.44
N GLY A 26 -3.67 13.84 12.65
CA GLY A 26 -3.81 12.44 12.88
C GLY A 26 -5.07 12.08 13.65
N PHE A 27 -5.23 10.79 13.85
CA PHE A 27 -6.37 10.23 14.55
C PHE A 27 -5.99 9.94 15.99
N LYS A 28 -6.89 10.29 16.89
CA LYS A 28 -6.77 9.94 18.29
C LYS A 28 -6.96 8.44 18.38
N ASN A 29 -6.15 7.83 19.22
CA ASN A 29 -6.24 6.40 19.55
C ASN A 29 -7.29 6.24 20.66
N GLY A 31 -7.84 3.46 22.21
CA GLY A 31 -7.38 2.35 23.01
C GLY A 31 -7.32 1.14 22.10
N ASN A 32 -6.09 0.76 21.76
CA ASN A 32 -5.82 -0.28 20.80
C ASN A 32 -6.44 -0.08 19.42
N THR A 33 -6.57 1.15 18.93
CA THR A 33 -7.14 1.41 17.61
C THR A 33 -6.15 2.11 16.65
N CYS A 34 -4.87 2.10 17.02
CA CYS A 34 -3.78 2.54 16.14
C CYS A 34 -3.69 1.67 14.86
N TYR A 35 -4.12 0.43 14.91
CA TYR A 35 -4.21 -0.42 13.69
C TYR A 35 -5.07 0.27 12.62
N LEU A 36 -6.18 0.88 13.06
CA LEU A 36 -7.06 1.60 12.17
C LEU A 36 -6.42 2.91 11.73
N ASN A 37 -5.90 3.67 12.69
CA ASN A 37 -5.31 4.98 12.38
C ASN A 37 -4.19 4.90 11.35
N ALA A 38 -3.28 3.95 11.53
CA ALA A 38 -2.15 3.83 10.61
C ALA A 38 -2.63 3.43 9.22
N THR A 39 -3.62 2.56 9.18
CA THR A 39 -4.20 2.10 7.93
C THR A 39 -4.92 3.22 7.20
N LEU A 40 -5.67 4.05 7.90
CA LEU A 40 -6.33 5.18 7.27
C LEU A 40 -5.35 6.23 6.69
N GLN A 41 -4.22 6.49 7.35
CA GLN A 41 -3.23 7.42 6.81
C GLN A 41 -2.61 6.88 5.49
N ALA A 42 -2.33 5.58 5.48
CA ALA A 42 -1.75 4.96 4.28
C ALA A 42 -2.75 5.04 3.11
N LEU A 43 -4.02 4.72 3.35
CA LEU A 43 -5.04 4.81 2.32
C LEU A 43 -5.30 6.22 1.83
N TYR A 44 -5.27 7.18 2.76
CA TYR A 44 -5.42 8.56 2.41
C TYR A 44 -4.30 9.04 1.46
N ARG A 45 -3.11 8.47 1.59
CA ARG A 45 -1.97 8.83 0.78
C ARG A 45 -2.13 8.36 -0.68
N VAL A 46 -2.97 7.36 -0.89
CA VAL A 46 -3.21 6.82 -2.23
C VAL A 46 -4.19 7.76 -2.93
N ASN A 47 -3.64 8.59 -3.79
CA ASN A 47 -4.36 9.72 -4.37
C ASN A 47 -5.71 9.36 -5.01
N ASP A 48 -5.74 8.30 -5.80
CA ASP A 48 -6.95 7.96 -6.56
C ASP A 48 -8.03 7.47 -5.63
N LEU A 49 -7.63 6.63 -4.68
CA LEU A 49 -8.53 6.18 -3.64
C LEU A 49 -9.08 7.34 -2.79
N ARG A 50 -8.20 8.24 -2.34
CA ARG A 50 -8.63 9.41 -1.57
C ARG A 50 -9.70 10.16 -2.33
N ASP A 51 -9.43 10.42 -3.60
CA ASP A 51 -10.34 11.20 -4.43
C ASP A 51 -11.70 10.54 -4.61
N ILE A 53 -13.17 8.45 -2.62
CA ILE A 53 -13.84 8.45 -1.35
C ILE A 53 -14.36 9.87 -1.11
N LEU A 54 -13.53 10.89 -1.31
CA LEU A 54 -13.96 12.28 -1.08
C LEU A 54 -15.11 12.70 -1.96
N ASN A 55 -15.27 12.06 -3.12
CA ASN A 55 -16.32 12.46 -4.03
C ASN A 55 -17.49 11.48 -4.06
N TYR A 56 -17.52 10.56 -3.11
CA TYR A 56 -18.54 9.53 -3.06
C TYR A 56 -19.89 10.17 -2.72
N ASN A 57 -20.90 9.85 -3.50
CA ASN A 57 -22.26 10.28 -3.23
C ASN A 57 -23.10 9.01 -3.02
N PRO A 58 -23.71 8.86 -1.84
CA PRO A 58 -24.55 7.69 -1.53
C PRO A 58 -25.63 7.36 -2.58
N SER A 59 -26.08 8.37 -3.31
CA SER A 59 -27.03 8.21 -4.42
C SER A 59 -26.49 7.32 -5.53
N GLN A 60 -25.17 7.25 -5.66
CA GLN A 60 -24.51 6.40 -6.66
C GLN A 60 -24.57 4.89 -6.36
N GLY A 61 -25.04 4.51 -5.17
CA GLY A 61 -25.15 3.12 -4.78
C GLY A 61 -23.79 2.43 -4.64
N VAL A 62 -23.76 1.15 -4.99
CA VAL A 62 -22.54 0.36 -5.04
C VAL A 62 -22.40 -0.28 -6.40
N SER A 63 -21.20 -0.73 -6.71
CA SER A 63 -20.92 -1.44 -7.95
C SER A 63 -21.41 -2.90 -7.81
N ASN A 64 -21.02 -3.56 -6.72
CA ASN A 64 -21.42 -4.95 -6.48
C ASN A 64 -22.60 -5.05 -5.52
N SER A 65 -23.79 -4.87 -6.07
CA SER A 65 -25.01 -5.07 -5.29
C SER A 65 -25.41 -6.55 -5.19
N GLY A 66 -24.52 -7.46 -5.59
CA GLY A 66 -24.60 -8.85 -5.18
C GLY A 66 -24.18 -9.13 -3.73
N ALA A 67 -23.44 -8.20 -3.11
CA ALA A 67 -23.05 -8.34 -1.69
C ALA A 67 -24.27 -8.16 -0.77
N GLN A 68 -24.55 -9.16 0.08
CA GLN A 68 -25.79 -9.19 0.85
C GLN A 68 -25.80 -8.08 1.90
N ASP A 69 -24.61 -7.68 2.32
CA ASP A 69 -24.43 -6.62 3.31
C ASP A 69 -24.05 -5.28 2.67
N GLU A 70 -24.53 -5.05 1.44
CA GLU A 70 -24.26 -3.84 0.66
C GLU A 70 -24.37 -2.53 1.46
N GLU A 71 -25.43 -2.38 2.23
CA GLU A 71 -25.70 -1.12 2.93
C GLU A 71 -24.61 -0.75 3.96
N ILE A 72 -24.08 -1.75 4.66
CA ILE A 72 -23.04 -1.47 5.64
C ILE A 72 -21.70 -1.12 4.96
N HIS A 73 -21.40 -1.70 3.79
CA HIS A 73 -20.19 -1.30 3.07
C HIS A 73 -20.28 0.13 2.61
N LYS A 74 -21.45 0.54 2.17
CA LYS A 74 -21.66 1.91 1.79
C LYS A 74 -21.47 2.87 2.98
N GLN A 75 -21.92 2.44 4.16
CA GLN A 75 -21.77 3.26 5.37
C GLN A 75 -20.30 3.34 5.74
N ILE A 76 -19.55 2.23 5.54
CA ILE A 76 -18.11 2.27 5.82
C ILE A 76 -17.50 3.40 4.98
N VAL A 77 -17.83 3.44 3.69
CA VAL A 77 -17.28 4.45 2.78
C VAL A 77 -17.69 5.86 3.20
N ILE A 78 -18.96 6.00 3.58
CA ILE A 78 -19.45 7.30 4.04
C ILE A 78 -18.67 7.80 5.25
N GLU A 79 -18.45 6.92 6.23
CA GLU A 79 -17.71 7.26 7.41
C GLU A 79 -16.22 7.52 7.12
N LYS A 81 -15.20 8.85 4.25
CA LYS A 81 -15.24 10.14 3.58
C LYS A 81 -15.25 11.28 4.62
N ARG A 82 -16.07 11.14 5.66
CA ARG A 82 -16.10 12.11 6.76
C ARG A 82 -14.75 12.23 7.43
N CYS A 83 -14.10 11.08 7.67
CA CYS A 83 -12.78 11.09 8.29
C CYS A 83 -11.79 11.77 7.39
N PHE A 84 -11.80 11.43 6.09
CA PHE A 84 -10.90 12.02 5.11
C PHE A 84 -11.12 13.53 4.96
N GLU A 85 -12.37 13.98 5.05
CA GLU A 85 -12.67 15.43 4.96
C GLU A 85 -12.03 16.16 6.12
N ASN A 86 -12.07 15.56 7.30
CA ASN A 86 -11.38 16.10 8.47
C ASN A 86 -9.84 16.13 8.35
N LEU A 87 -9.24 15.12 7.73
CA LEU A 87 -7.78 15.14 7.51
C LEU A 87 -7.35 16.22 6.52
N GLN A 88 -7.99 16.21 5.34
CA GLN A 88 -7.76 17.18 4.27
C GLN A 88 -7.87 18.62 4.77
N ASN A 89 -8.94 18.89 5.51
CA ASN A 89 -9.22 20.21 6.10
C ASN A 89 -8.80 20.21 7.55
N LYS A 90 -7.57 20.66 7.80
CA LYS A 90 -6.89 20.42 9.07
C LYS A 90 -7.38 21.41 10.14
N PHE A 92 -9.84 20.99 12.54
CA PHE A 92 -9.87 19.67 13.16
C PHE A 92 -8.45 19.19 13.45
N LYS A 93 -7.91 19.61 14.61
CA LYS A 93 -6.55 19.21 15.00
C LYS A 93 -6.42 17.71 15.32
N SER A 94 -7.53 17.07 15.65
CA SER A 94 -7.56 15.63 15.94
C SER A 94 -8.87 15.01 15.43
N VAL A 95 -8.78 13.84 14.82
CA VAL A 95 -9.94 13.17 14.30
C VAL A 95 -10.18 11.93 15.17
N LEU A 96 -11.40 11.77 15.67
CA LEU A 96 -11.79 10.61 16.47
C LEU A 96 -12.68 9.73 15.59
N PRO A 97 -12.19 8.59 15.09
CA PRO A 97 -12.95 7.74 14.16
C PRO A 97 -13.96 6.78 14.84
N VAL A 98 -14.72 7.30 15.78
CA VAL A 98 -15.63 6.53 16.61
C VAL A 98 -16.73 5.85 15.80
N VAL A 99 -17.45 6.63 15.00
CA VAL A 99 -18.55 6.08 14.19
C VAL A 99 -18.04 5.10 13.13
N LEU A 100 -16.90 5.41 12.51
CA LEU A 100 -16.27 4.51 11.56
C LEU A 100 -15.94 3.18 12.22
N LEU A 101 -15.36 3.21 13.43
CA LEU A 101 -15.04 1.97 14.17
C LEU A 101 -16.28 1.13 14.46
N ASN A 102 -17.32 1.79 14.92
CA ASN A 102 -18.61 1.13 15.20
C ASN A 102 -19.16 0.47 13.95
N THR A 103 -19.06 1.19 12.84
CA THR A 103 -19.53 0.70 11.54
C THR A 103 -18.74 -0.51 11.07
N LEU A 104 -17.42 -0.41 11.17
CA LEU A 104 -16.54 -1.49 10.83
C LEU A 104 -16.83 -2.71 11.67
N ARG A 105 -17.12 -2.50 12.96
CA ARG A 105 -17.43 -3.61 13.86
C ARG A 105 -18.73 -4.30 13.56
N LYS A 106 -19.70 -3.56 13.04
CA LYS A 106 -20.98 -4.12 12.65
C LYS A 106 -20.78 -5.04 11.44
N CYS A 107 -19.97 -4.59 10.49
CA CYS A 107 -19.72 -5.33 9.25
C CYS A 107 -18.79 -6.51 9.47
N TYR A 108 -17.77 -6.30 10.29
CA TYR A 108 -16.68 -7.24 10.51
C TYR A 108 -16.50 -7.41 12.02
N PRO A 109 -17.33 -8.25 12.64
CA PRO A 109 -17.30 -8.44 14.10
C PRO A 109 -15.97 -8.88 14.69
N GLN A 110 -15.05 -9.40 13.89
CA GLN A 110 -13.69 -9.68 14.38
C GLN A 110 -13.08 -8.46 15.10
N PHE A 111 -13.42 -7.27 14.62
CA PHE A 111 -12.85 -6.03 15.17
C PHE A 111 -13.52 -5.55 16.44
N ALA A 112 -14.53 -6.29 16.89
CA ALA A 112 -15.22 -6.02 18.14
C ALA A 112 -14.79 -6.98 19.25
N GLU A 113 -13.82 -7.85 18.97
CA GLU A 113 -13.27 -8.72 19.99
C GLU A 113 -12.70 -7.89 21.15
N ARG A 114 -12.98 -8.29 22.39
CA ARG A 114 -12.42 -7.63 23.57
C ARG A 114 -11.44 -8.54 24.32
N ASP A 115 -10.95 -8.09 25.47
CA ASP A 115 -10.30 -8.98 26.42
C ASP A 115 -10.36 -8.39 27.83
N PHE A 120 -10.14 -2.16 27.11
CA PHE A 120 -10.09 -1.86 25.67
C PHE A 120 -10.56 -3.07 24.82
N TYR A 121 -10.90 -2.75 23.57
CA TYR A 121 -11.02 -3.76 22.54
C TYR A 121 -9.63 -4.33 22.26
N LYS A 122 -9.58 -5.58 21.82
CA LYS A 122 -8.31 -6.23 21.53
C LYS A 122 -7.58 -5.49 20.39
N GLN A 123 -6.27 -5.41 20.48
CA GLN A 123 -5.44 -4.94 19.34
C GLN A 123 -5.61 -5.91 18.17
N GLN A 124 -5.50 -5.40 16.95
CA GLN A 124 -5.73 -6.21 15.74
C GLN A 124 -4.59 -6.11 14.75
N ASP A 125 -4.58 -7.06 13.82
CA ASP A 125 -3.63 -7.12 12.72
C ASP A 125 -4.07 -6.10 11.65
N ALA A 126 -3.23 -5.10 11.41
CA ALA A 126 -3.50 -4.15 10.36
C ALA A 126 -3.71 -4.83 9.00
N GLU A 127 -3.02 -5.92 8.71
CA GLU A 127 -3.26 -6.62 7.44
C GLU A 127 -4.70 -7.06 7.27
N GLU A 128 -5.28 -7.61 8.34
CA GLU A 128 -6.67 -8.04 8.34
C GLU A 128 -7.60 -6.85 8.08
N LEU A 129 -7.34 -5.71 8.70
CA LEU A 129 -8.16 -4.50 8.45
C LEU A 129 -8.05 -4.04 6.99
N PHE A 130 -6.81 -3.92 6.51
CA PHE A 130 -6.51 -3.58 5.15
C PHE A 130 -7.29 -4.46 4.17
N THR A 131 -7.23 -5.76 4.37
CA THR A 131 -7.95 -6.70 3.53
C THR A 131 -9.45 -6.45 3.50
N GLN A 132 -10.04 -6.21 4.68
CA GLN A 132 -11.49 -6.03 4.77
C GLN A 132 -11.89 -4.68 4.20
N LEU A 133 -11.07 -3.66 4.40
CA LEU A 133 -11.36 -2.36 3.81
C LEU A 133 -11.30 -2.42 2.28
N PHE A 134 -10.32 -3.13 1.75
CA PHE A 134 -10.24 -3.40 0.32
C PHE A 134 -11.48 -4.10 -0.20
N HIS A 135 -12.00 -5.10 0.53
CA HIS A 135 -13.22 -5.78 0.17
C HIS A 135 -14.39 -4.79 0.10
N SER A 136 -14.54 -3.95 1.12
CA SER A 136 -15.62 -2.96 1.14
C SER A 136 -15.49 -1.94 0.01
N SER A 138 -13.94 -2.38 -2.86
CA SER A 138 -14.26 -3.09 -4.08
C SER A 138 -15.78 -3.24 -4.28
N ILE A 139 -16.51 -3.58 -3.22
CA ILE A 139 -17.97 -3.64 -3.32
C ILE A 139 -18.54 -2.29 -3.72
N VAL A 140 -18.06 -1.21 -3.13
CA VAL A 140 -18.70 0.07 -3.36
C VAL A 140 -18.30 0.63 -4.73
N PHE A 141 -16.99 0.63 -5.03
CA PHE A 141 -16.46 1.30 -6.23
C PHE A 141 -16.24 0.39 -7.42
N GLY A 142 -16.10 -0.90 -7.19
CA GLY A 142 -15.88 -1.82 -8.30
C GLY A 142 -14.49 -1.70 -8.92
N ASP A 143 -14.44 -2.01 -10.22
CA ASP A 143 -13.19 -2.01 -10.97
C ASP A 143 -12.41 -0.71 -10.92
N LYS A 144 -13.13 0.41 -10.85
CA LYS A 144 -12.52 1.70 -10.69
C LYS A 144 -11.52 1.74 -9.50
N PHE A 145 -11.83 1.01 -8.44
CA PHE A 145 -10.93 0.88 -7.35
C PHE A 145 -9.92 -0.24 -7.59
N SER A 146 -10.45 -1.43 -7.83
CA SER A 146 -9.63 -2.63 -7.73
C SER A 146 -8.59 -2.71 -8.85
N GLU A 147 -8.85 -2.09 -9.98
CA GLU A 147 -7.89 -2.14 -11.11
C GLU A 147 -6.61 -1.38 -10.84
N ASP A 148 -6.63 -0.46 -9.87
CA ASP A 148 -5.43 0.26 -9.51
C ASP A 148 -4.46 -0.59 -8.69
N PHE A 149 -4.91 -1.75 -8.18
CA PHE A 149 -4.11 -2.57 -7.27
C PHE A 149 -3.86 -3.98 -7.80
N ARG A 150 -4.47 -4.32 -8.94
CA ARG A 150 -4.48 -5.72 -9.39
C ARG A 150 -3.10 -6.10 -9.96
N ILE A 151 -2.61 -7.24 -9.49
CA ILE A 151 -1.43 -7.87 -10.02
C ILE A 151 -1.93 -9.14 -10.68
N GLN A 152 -1.66 -9.32 -11.97
CA GLN A 152 -1.96 -10.57 -12.64
C GLN A 152 -0.70 -11.40 -12.78
N PHE A 153 -0.88 -12.71 -12.69
CA PHE A 153 0.17 -13.71 -12.83
C PHE A 153 0.00 -14.64 -14.00
N LYS A 154 1.13 -15.05 -14.56
CA LYS A 154 1.24 -16.24 -15.36
C LYS A 154 1.86 -17.31 -14.45
N THR A 155 1.12 -18.38 -14.20
CA THR A 155 1.58 -19.48 -13.37
C THR A 155 1.98 -20.72 -14.15
N THR A 156 3.22 -21.16 -13.93
CA THR A 156 3.75 -22.36 -14.55
C THR A 156 3.80 -23.47 -13.50
N ILE A 157 3.22 -24.62 -13.86
CA ILE A 157 2.97 -25.72 -12.94
C ILE A 157 3.67 -26.90 -13.58
N LYS A 158 4.71 -27.40 -12.92
CA LYS A 158 5.53 -28.48 -13.45
C LYS A 158 5.58 -29.60 -12.42
N ASP A 159 5.44 -30.83 -12.90
CA ASP A 159 5.71 -31.98 -12.07
C ASP A 159 7.22 -32.00 -11.79
N THR A 160 7.60 -31.88 -10.52
CA THR A 160 9.00 -31.99 -10.12
C THR A 160 9.61 -33.33 -10.58
N ALA A 161 8.76 -34.36 -10.63
CA ALA A 161 9.16 -35.68 -11.10
C ALA A 161 9.12 -35.83 -12.64
N ASN A 162 8.49 -34.90 -13.34
CA ASN A 162 8.45 -34.95 -14.82
C ASN A 162 8.38 -33.57 -15.49
N ASP A 163 9.47 -33.16 -16.13
CA ASP A 163 9.58 -31.82 -16.74
C ASP A 163 9.09 -31.76 -18.20
N ASN A 164 8.25 -32.72 -18.58
CA ASN A 164 7.43 -32.64 -19.78
C ASN A 164 5.97 -32.40 -19.41
N ASP A 165 5.61 -32.66 -18.15
CA ASP A 165 4.29 -32.37 -17.60
C ASP A 165 4.27 -30.91 -17.17
N ILE A 166 3.93 -30.03 -18.11
CA ILE A 166 3.91 -28.58 -17.87
C ILE A 166 2.54 -27.99 -18.23
N THR A 167 2.03 -27.13 -17.34
CA THR A 167 0.74 -26.44 -17.50
C THR A 167 0.97 -24.97 -17.18
N VAL A 168 0.35 -24.10 -17.96
CA VAL A 168 0.46 -22.66 -17.79
C VAL A 168 -0.93 -22.13 -17.59
N LYS A 169 -1.10 -21.32 -16.56
CA LYS A 169 -2.39 -20.71 -16.28
C LYS A 169 -2.18 -19.22 -16.28
N GLU A 170 -3.19 -18.48 -16.71
CA GLU A 170 -3.11 -17.03 -16.79
C GLU A 170 -4.10 -16.30 -15.89
N ASN A 171 -4.85 -17.02 -15.07
CA ASN A 171 -6.01 -16.43 -14.38
C ASN A 171 -5.83 -16.13 -12.89
N GLU A 172 -4.64 -16.39 -12.33
CA GLU A 172 -4.41 -15.99 -10.93
C GLU A 172 -4.05 -14.52 -10.82
N SER A 173 -4.52 -13.91 -9.75
CA SER A 173 -4.24 -12.52 -9.48
C SER A 173 -4.31 -12.27 -7.98
N ASP A 174 -3.87 -11.09 -7.57
CA ASP A 174 -4.02 -10.66 -6.21
C ASP A 174 -3.89 -9.17 -6.21
N SER A 175 -4.12 -8.59 -5.05
CA SER A 175 -4.02 -7.17 -4.87
C SER A 175 -2.83 -6.75 -4.01
N LYS A 176 -1.96 -7.69 -3.68
CA LYS A 176 -0.71 -7.42 -2.97
C LYS A 176 0.26 -8.51 -3.22
N LEU A 177 1.53 -8.24 -2.93
CA LEU A 177 2.58 -9.24 -2.91
C LEU A 177 2.99 -9.46 -1.45
N GLN A 178 3.28 -10.71 -1.15
CA GLN A 178 3.81 -11.13 0.14
C GLN A 178 5.32 -11.24 0.11
N CYS A 179 5.96 -10.60 1.09
CA CYS A 179 7.38 -10.77 1.34
C CYS A 179 7.58 -11.73 2.48
N HIS A 180 7.93 -12.97 2.12
CA HIS A 180 8.19 -14.02 3.09
C HIS A 180 9.51 -13.74 3.81
N ILE A 181 9.51 -13.85 5.13
CA ILE A 181 10.70 -13.63 5.93
C ILE A 181 11.06 -14.90 6.68
N SER A 182 12.24 -15.45 6.39
CA SER A 182 12.86 -16.50 7.21
C SER A 182 14.22 -16.00 7.74
N GLY A 183 15.00 -16.89 8.36
CA GLY A 183 16.31 -16.51 8.88
C GLY A 183 17.31 -16.10 7.81
N THR A 184 17.07 -16.49 6.56
CA THR A 184 17.95 -16.15 5.45
C THR A 184 17.65 -14.78 4.84
N THR A 185 16.46 -14.23 5.13
CA THR A 185 15.96 -13.04 4.43
C THR A 185 16.60 -11.76 4.94
N ASN A 186 17.24 -11.03 4.03
CA ASN A 186 17.92 -9.77 4.35
C ASN A 186 17.42 -8.54 3.57
N PHE A 187 16.81 -8.78 2.40
CA PHE A 187 16.29 -7.73 1.53
C PHE A 187 14.89 -8.13 1.07
N ARG A 189 13.44 -8.05 -1.72
CA ARG A 189 13.46 -8.81 -2.96
C ARG A 189 13.52 -10.29 -2.72
N ASN A 190 14.36 -10.69 -1.75
CA ASN A 190 14.57 -12.10 -1.37
C ASN A 190 13.22 -12.75 -1.04
N GLY A 191 12.45 -12.06 -0.20
CA GLY A 191 11.18 -12.54 0.29
C GLY A 191 10.07 -12.49 -0.74
N LEU A 192 10.12 -11.54 -1.66
CA LEU A 192 9.12 -11.41 -2.74
C LEU A 192 9.27 -12.57 -3.74
N LEU A 193 10.53 -12.89 -4.05
CA LEU A 193 10.82 -13.98 -4.97
C LEU A 193 10.36 -15.31 -4.38
N GLU A 194 10.62 -15.53 -3.10
CA GLU A 194 10.19 -16.75 -2.40
C GLU A 194 8.66 -16.80 -2.42
N GLY A 195 8.01 -15.64 -2.28
CA GLY A 195 6.56 -15.61 -2.26
C GLY A 195 5.89 -15.99 -3.57
N LEU A 196 6.63 -15.94 -4.69
CA LEU A 196 6.06 -16.25 -5.99
C LEU A 196 6.08 -17.71 -6.29
N ASN A 197 6.88 -18.46 -5.53
CA ASN A 197 6.98 -19.90 -5.68
C ASN A 197 6.41 -20.68 -4.50
N GLU A 198 5.89 -21.86 -4.80
CA GLU A 198 5.36 -22.75 -3.76
C GLU A 198 5.36 -24.16 -4.32
N LYS A 199 5.20 -25.14 -3.43
CA LYS A 199 5.11 -26.55 -3.81
C LYS A 199 3.86 -27.17 -3.20
N ALA A 209 -2.48 -40.50 -10.01
CA ALA A 209 -1.80 -40.50 -8.72
C ALA A 209 -1.27 -39.11 -8.36
N ASN A 210 -0.89 -38.95 -7.08
CA ASN A 210 -0.38 -37.68 -6.57
C ASN A 210 1.12 -37.50 -6.86
N SER A 211 1.52 -36.25 -7.02
CA SER A 211 2.94 -35.88 -7.12
C SER A 211 3.15 -34.50 -6.51
N ILE A 212 4.40 -34.16 -6.21
CA ILE A 212 4.72 -32.77 -5.82
C ILE A 212 4.87 -31.92 -7.11
N TYR A 213 4.11 -30.84 -7.17
CA TYR A 213 4.20 -29.89 -8.27
C TYR A 213 4.82 -28.60 -7.73
N SER A 214 5.75 -28.05 -8.50
CA SER A 214 6.21 -26.66 -8.31
C SER A 214 5.25 -25.73 -9.03
N VAL A 215 4.87 -24.65 -8.34
CA VAL A 215 3.96 -23.66 -8.86
C VAL A 215 4.70 -22.33 -8.79
N GLU A 216 4.94 -21.72 -9.96
CA GLU A 216 5.86 -20.61 -10.11
C GLU A 216 5.14 -19.47 -10.82
N LYS A 217 4.96 -18.36 -10.11
CA LYS A 217 4.24 -17.23 -10.62
C LYS A 217 5.23 -16.19 -11.18
N LYS A 218 4.92 -15.64 -12.35
CA LYS A 218 5.56 -14.42 -12.82
C LYS A 218 4.45 -13.45 -13.14
N ILE A 219 4.77 -12.17 -13.02
CA ILE A 219 3.79 -11.13 -13.16
C ILE A 219 3.61 -10.80 -14.63
N SER A 220 2.36 -10.76 -15.08
CA SER A 220 1.98 -10.44 -16.44
C SER A 220 1.22 -9.06 -16.53
N ARG A 221 0.90 -8.53 -15.37
CA ARG A 221 0.30 -7.18 -15.27
C ARG A 221 0.58 -6.56 -13.90
N LEU A 222 1.20 -5.38 -13.91
CA LEU A 222 1.55 -4.65 -12.72
C LEU A 222 0.55 -3.49 -12.48
N PRO A 223 0.20 -3.27 -11.22
CA PRO A 223 -0.67 -2.12 -10.90
C PRO A 223 0.07 -0.83 -10.67
N LYS A 224 -0.69 0.24 -10.77
CA LYS A 224 -0.11 1.54 -10.49
C LYS A 224 0.25 1.74 -9.01
N PHE A 225 -0.51 1.10 -8.11
CA PHE A 225 -0.19 1.05 -6.69
C PHE A 225 0.11 -0.40 -6.30
N LEU A 226 1.31 -0.58 -5.76
CA LEU A 226 1.79 -1.92 -5.38
C LEU A 226 1.94 -2.02 -3.85
N THR A 227 1.18 -2.88 -3.22
CA THR A 227 1.16 -3.07 -1.78
C THR A 227 2.02 -4.29 -1.51
N VAL A 228 2.94 -4.18 -0.57
CA VAL A 228 3.81 -5.28 -0.16
C VAL A 228 3.55 -5.57 1.30
N GLN A 229 3.27 -6.82 1.60
CA GLN A 229 3.11 -7.29 2.98
C GLN A 229 4.35 -8.00 3.46
N TYR A 230 5.00 -7.49 4.49
CA TYR A 230 6.03 -8.26 5.21
C TYR A 230 5.30 -9.28 6.07
N VAL A 231 5.58 -10.52 5.84
CA VAL A 231 4.97 -11.58 6.64
C VAL A 231 5.74 -11.68 7.96
N ARG A 232 5.36 -10.86 8.92
CA ARG A 232 6.03 -10.88 10.23
C ARG A 232 5.28 -11.65 11.29
N PHE A 233 3.95 -11.65 11.23
CA PHE A 233 3.15 -12.32 12.25
C PHE A 233 2.99 -13.82 11.93
N PHE A 234 3.07 -14.65 12.96
CA PHE A 234 2.94 -16.08 12.75
C PHE A 234 2.47 -16.78 14.01
N TRP A 235 1.95 -17.99 13.82
CA TRP A 235 1.59 -18.89 14.91
C TRP A 235 2.80 -19.72 15.32
N LYS A 236 3.34 -19.42 16.50
CA LYS A 236 4.44 -20.18 17.07
C LYS A 236 3.95 -21.57 17.54
N ARG A 237 4.59 -22.62 17.01
CA ARG A 237 4.24 -24.00 17.39
C ARG A 237 4.66 -24.30 18.82
N SER A 238 5.89 -23.92 19.18
CA SER A 238 6.45 -24.16 20.51
C SER A 238 5.60 -23.65 21.68
N THR A 239 4.89 -22.53 21.48
CA THR A 239 4.12 -21.89 22.54
C THR A 239 2.60 -21.86 22.30
N ASN A 240 2.16 -22.37 21.15
CA ASN A 240 0.75 -22.28 20.76
C ASN A 240 0.21 -20.85 20.92
N LYS A 241 0.97 -19.88 20.40
CA LYS A 241 0.67 -18.47 20.62
C LYS A 241 1.09 -17.60 19.42
N LYS A 242 0.44 -16.47 19.26
CA LYS A 242 0.84 -15.53 18.23
C LYS A 242 2.22 -14.96 18.54
N SER A 243 3.05 -14.83 17.49
CA SER A 243 4.37 -14.28 17.62
C SER A 243 4.69 -13.36 16.43
N LYS A 244 5.95 -12.93 16.38
CA LYS A 244 6.42 -12.00 15.37
C LYS A 244 7.88 -12.20 15.04
N ILE A 245 8.17 -12.22 13.74
CA ILE A 245 9.53 -12.30 13.20
C ILE A 245 10.08 -10.88 13.20
N LEU A 246 11.23 -10.70 13.86
CA LEU A 246 11.80 -9.40 14.07
C LEU A 246 12.92 -9.07 13.09
N ARG A 247 13.27 -10.03 12.26
CA ARG A 247 14.42 -9.92 11.40
C ARG A 247 14.49 -8.63 10.58
N LYS A 248 15.68 -8.09 10.45
CA LYS A 248 15.88 -6.92 9.57
C LYS A 248 15.73 -7.30 8.09
N VAL A 249 14.82 -6.62 7.40
CA VAL A 249 14.61 -6.86 5.98
C VAL A 249 14.61 -5.52 5.27
N VAL A 250 15.69 -5.23 4.56
CA VAL A 250 15.86 -3.91 3.92
C VAL A 250 14.94 -3.78 2.70
N PHE A 251 14.13 -2.71 2.67
CA PHE A 251 13.33 -2.36 1.50
C PHE A 251 13.92 -1.13 0.79
N PRO A 252 13.73 -1.00 -0.52
CA PRO A 252 14.24 0.14 -1.26
C PRO A 252 13.22 1.28 -1.38
N PHE A 253 13.73 2.50 -1.54
CA PHE A 253 12.89 3.65 -1.80
C PHE A 253 12.38 3.60 -3.23
N GLN A 254 13.19 3.06 -4.14
CA GLN A 254 12.80 2.93 -5.55
C GLN A 254 12.92 1.48 -5.88
N LEU A 255 11.80 0.85 -6.17
CA LEU A 255 11.65 -0.59 -6.38
C LEU A 255 11.53 -0.85 -7.87
N ASP A 256 12.32 -1.81 -8.34
CA ASP A 256 12.29 -2.22 -9.73
C ASP A 256 12.02 -3.71 -9.67
N VAL A 257 10.96 -4.17 -10.32
CA VAL A 257 10.58 -5.58 -10.24
C VAL A 257 10.69 -6.33 -11.56
N ALA A 258 11.57 -5.88 -12.45
CA ALA A 258 11.64 -6.45 -13.80
C ALA A 258 11.87 -7.98 -13.75
N ASP A 259 12.66 -8.43 -12.77
CA ASP A 259 12.97 -9.85 -12.65
C ASP A 259 11.82 -10.74 -12.18
N LEU A 261 8.74 -10.42 -13.59
CA LEU A 261 7.76 -10.33 -14.67
C LEU A 261 7.99 -11.47 -15.64
N THR A 262 6.96 -11.80 -16.41
CA THR A 262 7.19 -12.73 -17.54
C THR A 262 8.18 -12.08 -18.51
N PRO A 263 8.93 -12.87 -19.27
CA PRO A 263 9.86 -12.30 -20.25
C PRO A 263 9.20 -11.28 -21.21
N GLU A 264 8.00 -11.60 -21.67
CA GLU A 264 7.26 -10.78 -22.63
C GLU A 264 6.88 -9.45 -22.01
N TYR A 265 6.37 -9.49 -20.79
CA TYR A 265 5.95 -8.28 -20.08
C TYR A 265 7.16 -7.47 -19.62
N ALA A 266 8.24 -8.13 -19.22
CA ALA A 266 9.43 -7.40 -18.82
C ALA A 266 9.95 -6.57 -20.00
N ALA A 267 10.00 -7.17 -21.18
CA ALA A 267 10.49 -6.46 -22.36
C ALA A 267 9.70 -5.15 -22.54
N GLU A 268 8.38 -5.22 -22.35
CA GLU A 268 7.54 -4.04 -22.50
C GLU A 268 7.80 -3.00 -21.42
N LYS A 269 7.90 -3.45 -20.16
CA LYS A 269 8.05 -2.54 -19.03
C LYS A 269 9.45 -1.92 -18.96
N VAL A 270 10.48 -2.65 -19.34
CA VAL A 270 11.85 -2.13 -19.35
C VAL A 270 11.99 -1.04 -20.42
N LYS A 271 11.30 -1.20 -21.54
CA LYS A 271 11.38 -0.18 -22.61
C LYS A 271 10.82 1.12 -22.08
N VAL A 272 9.71 1.03 -21.36
CA VAL A 272 9.10 2.20 -20.76
C VAL A 272 10.02 2.79 -19.70
N ARG A 273 10.52 1.96 -18.79
CA ARG A 273 11.44 2.43 -17.75
C ARG A 273 12.63 3.24 -18.29
N ASP A 274 13.17 2.84 -19.43
CA ASP A 274 14.37 3.48 -19.94
C ASP A 274 14.06 4.88 -20.51
N GLU A 275 12.88 5.04 -21.10
CA GLU A 275 12.42 6.37 -21.50
C GLU A 275 12.10 7.26 -20.29
N LEU A 276 11.49 6.69 -19.24
CA LEU A 276 11.16 7.47 -18.04
C LEU A 276 12.42 7.92 -17.31
N ARG A 277 13.45 7.09 -17.33
CA ARG A 277 14.72 7.44 -16.71
C ARG A 277 15.35 8.66 -17.37
N LYS A 278 15.15 8.77 -18.68
CA LYS A 278 15.66 9.90 -19.46
C LYS A 278 14.94 11.18 -19.04
N VAL A 279 13.64 11.09 -18.78
CA VAL A 279 12.91 12.25 -18.30
C VAL A 279 13.38 12.64 -16.88
N GLU A 280 13.49 11.67 -15.98
CA GLU A 280 13.97 11.90 -14.61
C GLU A 280 15.30 12.65 -14.59
N LYS A 281 16.20 12.29 -15.50
CA LYS A 281 17.54 12.85 -15.54
C LYS A 281 17.49 14.30 -16.03
N GLU A 282 16.72 14.53 -17.08
CA GLU A 282 16.46 15.88 -17.60
C GLU A 282 15.77 16.78 -16.55
N LYS A 283 14.92 16.18 -15.72
CA LYS A 283 14.24 16.91 -14.64
C LYS A 283 15.24 17.36 -13.59
N ASN A 284 16.09 16.43 -13.16
CA ASN A 284 17.13 16.71 -12.16
C ASN A 284 18.14 17.77 -12.59
N GLU A 285 18.29 17.97 -13.91
CA GLU A 285 19.10 19.08 -14.44
C GLU A 285 18.43 20.42 -14.16
N LYS A 286 17.21 20.58 -14.67
CA LYS A 286 16.40 21.78 -14.43
C LYS A 286 15.75 21.77 -13.04
N VAL A 303 2.30 44.19 -5.19
CA VAL A 303 2.79 43.99 -3.82
C VAL A 303 1.93 42.95 -3.06
N THR A 305 1.28 40.10 0.15
CA THR A 305 1.61 39.75 1.53
C THR A 305 2.48 38.49 1.54
N PRO A 306 3.21 38.26 2.64
CA PRO A 306 3.95 37.02 2.84
C PRO A 306 3.10 35.75 2.62
N ARG A 307 1.85 35.76 3.10
CA ARG A 307 0.92 34.67 2.86
C ARG A 307 0.69 34.51 1.36
N GLU A 308 0.45 35.61 0.67
CA GLU A 308 0.21 35.55 -0.77
C GLU A 308 1.40 34.94 -1.52
N GLN A 309 2.62 35.27 -1.08
CA GLN A 309 3.82 34.75 -1.74
C GLN A 309 3.96 33.26 -1.52
N TYR A 310 3.65 32.81 -0.32
CA TYR A 310 3.68 31.36 -0.05
C TYR A 310 2.66 30.64 -0.97
N GLU A 311 1.44 31.19 -1.07
CA GLU A 311 0.39 30.56 -1.85
C GLU A 311 0.74 30.60 -3.34
N THR A 312 1.37 31.67 -3.81
CA THR A 312 1.87 31.70 -5.19
C THR A 312 2.96 30.62 -5.42
N GLN A 313 3.89 30.47 -4.49
CA GLN A 313 4.93 29.43 -4.64
C GLN A 313 4.39 28.01 -4.65
N VAL A 314 3.37 27.74 -3.84
CA VAL A 314 2.69 26.45 -3.86
C VAL A 314 2.07 26.22 -5.23
N ALA A 315 1.37 27.23 -5.74
CA ALA A 315 0.78 27.14 -7.09
C ALA A 315 1.85 26.90 -8.15
N LEU A 316 2.97 27.62 -8.06
CA LEU A 316 4.09 27.41 -8.99
C LEU A 316 4.65 26.00 -8.93
N ASN A 317 4.81 25.48 -7.71
CA ASN A 317 5.41 24.16 -7.52
C ASN A 317 4.47 23.08 -8.08
N GLU A 318 3.16 23.23 -7.86
CA GLU A 318 2.17 22.30 -8.40
C GLU A 318 2.15 22.29 -9.93
N SER A 319 2.26 23.47 -10.52
CA SER A 319 2.33 23.61 -11.97
C SER A 319 3.58 22.91 -12.50
N GLU A 320 4.70 23.12 -11.85
CA GLU A 320 5.95 22.52 -12.32
C GLU A 320 5.86 21.01 -12.21
N LYS A 321 5.27 20.52 -11.13
CA LYS A 321 5.08 19.08 -10.93
C LYS A 321 4.20 18.50 -12.03
N ASP A 322 3.12 19.22 -12.36
CA ASP A 322 2.17 18.76 -13.38
C ASP A 322 2.84 18.75 -14.74
N GLN A 323 3.70 19.72 -15.02
CA GLN A 323 4.40 19.75 -16.32
C GLN A 323 5.34 18.53 -16.45
N TRP A 324 5.98 18.11 -15.37
CA TRP A 324 6.84 16.92 -15.40
C TRP A 324 6.04 15.62 -15.51
N LEU A 325 4.91 15.53 -14.80
CA LEU A 325 3.98 14.43 -15.02
C LEU A 325 3.60 14.29 -16.50
N GLU A 326 3.36 15.41 -17.20
CA GLU A 326 2.98 15.35 -18.59
C GLU A 326 4.12 14.87 -19.47
N GLU A 327 5.34 15.21 -19.09
CA GLU A 327 6.53 14.81 -19.82
C GLU A 327 6.76 13.30 -19.67
N TYR A 328 6.62 12.76 -18.47
CA TYR A 328 6.70 11.31 -18.29
C TYR A 328 5.63 10.60 -19.12
N LYS A 329 4.41 11.11 -19.03
CA LYS A 329 3.22 10.53 -19.65
C LYS A 329 3.34 10.37 -21.18
N LYS A 330 4.10 11.26 -21.83
CA LYS A 330 4.42 11.13 -23.24
C LYS A 330 5.04 9.79 -23.59
N HIS A 331 5.65 9.13 -22.61
CA HIS A 331 6.38 7.89 -22.83
C HIS A 331 5.67 6.66 -22.32
N PHE A 332 4.41 6.82 -21.90
CA PHE A 332 3.64 5.70 -21.41
C PHE A 332 3.25 4.87 -22.64
N PRO A 333 3.16 3.57 -22.50
CA PRO A 333 2.84 2.70 -23.62
C PRO A 333 1.40 2.89 -24.14
N PRO A 334 1.20 2.77 -25.45
CA PRO A 334 -0.10 3.12 -26.07
C PRO A 334 -1.36 2.35 -25.57
N ASN A 335 -1.20 1.09 -25.22
CA ASN A 335 -2.32 0.21 -24.84
C ASN A 335 -2.30 -0.08 -23.32
N LEU A 336 -1.85 0.91 -22.55
CA LEU A 336 -1.82 0.78 -21.09
C LEU A 336 -3.24 0.64 -20.56
N GLU A 337 -3.48 -0.35 -19.72
CA GLU A 337 -4.79 -0.52 -19.08
C GLU A 337 -4.95 0.53 -18.00
N LYS A 338 -6.20 0.96 -17.75
CA LYS A 338 -6.50 1.79 -16.60
C LYS A 338 -6.05 1.07 -15.34
N GLY A 339 -5.20 1.78 -14.59
CA GLY A 339 -4.70 1.31 -13.31
C GLY A 339 -3.40 0.55 -13.41
N GLU A 340 -2.88 0.42 -14.63
CA GLU A 340 -1.65 -0.36 -14.85
C GLU A 340 -0.41 0.51 -14.69
N ASN A 341 0.68 -0.02 -14.13
CA ASN A 341 1.93 0.74 -14.04
C ASN A 341 2.56 0.86 -15.41
N PRO A 342 2.90 2.05 -15.89
CA PRO A 342 3.62 2.14 -17.17
C PRO A 342 4.93 1.30 -17.25
N SER A 343 5.77 1.33 -16.23
CA SER A 343 7.09 0.67 -16.22
C SER A 343 7.08 -0.42 -15.18
N CYS A 344 8.26 -0.95 -14.86
CA CYS A 344 8.45 -1.92 -13.81
C CYS A 344 9.03 -1.30 -12.54
N VAL A 345 8.96 0.03 -12.41
CA VAL A 345 9.58 0.76 -11.31
C VAL A 345 8.50 1.48 -10.49
N TYR A 346 8.76 1.58 -9.18
CA TYR A 346 7.87 2.20 -8.22
C TYR A 346 8.69 3.06 -7.26
N ASN A 347 8.06 4.10 -6.72
CA ASN A 347 8.56 4.80 -5.60
C ASN A 347 7.76 4.53 -4.32
N LEU A 348 8.46 4.41 -3.19
CA LEU A 348 7.80 4.19 -1.91
C LEU A 348 7.09 5.43 -1.49
N ILE A 349 5.83 5.29 -1.10
CA ILE A 349 5.05 6.43 -0.60
C ILE A 349 4.53 6.30 0.83
N GLY A 350 4.47 5.10 1.37
CA GLY A 350 3.97 4.94 2.72
C GLY A 350 4.44 3.62 3.32
N VAL A 351 4.50 3.61 4.64
CA VAL A 351 4.92 2.44 5.41
C VAL A 351 4.02 2.40 6.67
N ILE A 352 3.37 1.25 6.90
CA ILE A 352 2.70 0.98 8.17
C ILE A 352 3.67 0.12 8.98
N THR A 353 4.02 0.60 10.19
CA THR A 353 4.92 -0.08 11.10
C THR A 353 4.17 -0.65 12.27
N HIS A 354 4.81 -1.62 12.90
CA HIS A 354 4.33 -2.18 14.16
C HIS A 354 5.48 -2.37 15.11
N GLN A 355 5.21 -2.19 16.40
CA GLN A 355 6.20 -2.50 17.43
C GLN A 355 5.44 -3.31 18.48
N GLY A 356 5.96 -4.46 18.86
CA GLY A 356 5.30 -5.29 19.86
C GLY A 356 5.48 -6.77 19.59
N ALA A 357 5.00 -7.61 20.49
CA ALA A 357 5.32 -9.04 20.47
C ALA A 357 4.55 -9.85 19.42
N ASN A 358 3.37 -9.37 19.04
CA ASN A 358 2.49 -10.09 18.12
C ASN A 358 1.39 -9.14 17.63
N SER A 359 0.46 -9.65 16.83
CA SER A 359 -0.52 -8.78 16.17
C SER A 359 -1.62 -8.28 17.13
N GLU A 360 -1.72 -8.90 18.30
CA GLU A 360 -2.65 -8.41 19.32
C GLU A 360 -1.94 -7.72 20.48
N SER A 361 -0.79 -7.13 20.23
CA SER A 361 -0.14 -6.27 21.21
C SER A 361 0.58 -5.10 20.54
N GLY A 362 1.12 -4.20 21.33
CA GLY A 362 1.93 -3.12 20.81
C GLY A 362 1.15 -2.07 20.01
N HIS A 363 1.82 -1.45 19.04
CA HIS A 363 1.39 -0.18 18.48
C HIS A 363 1.75 -0.09 16.99
N TYR A 364 0.81 0.46 16.22
CA TYR A 364 1.02 0.70 14.81
C TYR A 364 1.14 2.18 14.56
N GLN A 365 2.00 2.51 13.60
CA GLN A 365 2.15 3.87 13.12
C GLN A 365 2.21 3.88 11.59
N ALA A 366 2.09 5.07 11.01
CA ALA A 366 2.30 5.26 9.58
C ALA A 366 3.37 6.30 9.33
N PHE A 367 4.19 6.02 8.33
CA PHE A 367 5.13 6.98 7.78
C PHE A 367 4.78 7.23 6.34
N ILE A 368 4.62 8.49 5.99
CA ILE A 368 3.99 8.89 4.73
C ILE A 368 4.87 9.90 4.04
N ARG A 369 5.17 9.65 2.79
CA ARG A 369 5.99 10.58 2.02
C ARG A 369 5.20 11.81 1.60
N ASP A 370 5.77 12.98 1.74
CA ASP A 370 5.11 14.20 1.29
C ASP A 370 4.86 14.20 -0.22
N GLU A 371 3.71 14.74 -0.64
CA GLU A 371 3.26 14.62 -2.03
C GLU A 371 4.02 15.48 -3.05
N LEU A 372 4.71 16.49 -2.57
CA LEU A 372 5.49 17.39 -3.43
C LEU A 372 6.99 17.21 -3.20
N ASP A 373 7.41 17.34 -1.95
CA ASP A 373 8.80 17.16 -1.54
C ASP A 373 9.07 15.70 -1.26
N GLU A 374 9.68 15.03 -2.23
CA GLU A 374 9.97 13.60 -2.14
C GLU A 374 10.98 13.22 -1.05
N ASN A 375 11.72 14.19 -0.52
CA ASN A 375 12.68 13.93 0.55
C ASN A 375 12.07 14.02 1.94
N LYS A 376 10.82 14.48 2.02
CA LYS A 376 10.16 14.75 3.30
C LYS A 376 9.21 13.61 3.66
N TRP A 377 9.26 13.18 4.90
CA TRP A 377 8.36 12.14 5.42
C TRP A 377 7.66 12.62 6.68
N TYR A 378 6.42 12.22 6.84
CA TYR A 378 5.64 12.49 8.03
C TYR A 378 5.47 11.20 8.84
N LYS A 379 5.67 11.33 10.14
CA LYS A 379 5.37 10.28 11.10
C LYS A 379 4.04 10.56 11.77
N PHE A 380 3.10 9.64 11.58
CA PHE A 380 1.78 9.72 12.19
C PHE A 380 1.73 8.73 13.34
N ASN A 381 1.95 9.23 14.55
CA ASN A 381 1.88 8.45 15.76
C ASN A 381 0.54 8.78 16.42
N ASP A 382 -0.52 8.20 15.84
CA ASP A 382 -1.89 8.54 16.13
C ASP A 382 -2.08 10.04 15.85
N ASP A 383 -2.36 10.84 16.87
CA ASP A 383 -2.61 12.27 16.64
C ASP A 383 -1.34 13.12 16.76
N LYS A 384 -0.21 12.49 17.07
CA LYS A 384 1.07 13.17 17.19
C LYS A 384 1.80 13.02 15.86
N VAL A 385 1.93 14.13 15.14
CA VAL A 385 2.47 14.16 13.79
C VAL A 385 3.77 14.94 13.82
N SER A 386 4.79 14.42 13.13
CA SER A 386 6.11 15.05 13.09
C SER A 386 6.74 14.80 11.73
N VAL A 387 7.76 15.58 11.42
CA VAL A 387 8.54 15.43 10.19
C VAL A 387 9.78 14.64 10.48
N VAL A 388 10.06 13.61 9.68
CA VAL A 388 11.29 12.86 9.80
C VAL A 388 12.04 12.77 8.46
N GLU A 389 13.31 12.36 8.52
CA GLU A 389 14.17 12.26 7.33
C GLU A 389 14.30 10.81 6.86
N LYS A 390 14.92 10.66 5.69
CA LYS A 390 15.04 9.36 5.03
C LYS A 390 15.74 8.32 5.89
N GLU A 391 16.71 8.75 6.71
CA GLU A 391 17.44 7.82 7.56
C GLU A 391 16.51 7.12 8.55
N LYS A 392 15.58 7.85 9.15
CA LYS A 392 14.57 7.28 10.03
C LYS A 392 13.75 6.23 9.27
N ILE A 393 13.41 6.49 8.01
CA ILE A 393 12.62 5.51 7.25
C ILE A 393 13.42 4.23 7.01
N GLU A 394 14.68 4.38 6.63
CA GLU A 394 15.55 3.23 6.38
C GLU A 394 15.64 2.33 7.60
N SER A 395 15.71 2.94 8.77
CA SER A 395 15.78 2.21 10.04
C SER A 395 14.56 1.33 10.30
N LEU A 396 13.48 1.52 9.56
CA LEU A 396 12.28 0.71 9.74
C LEU A 396 12.38 -0.70 9.14
N ALA A 397 13.53 -1.04 8.54
CA ALA A 397 13.76 -2.40 8.04
C ALA A 397 13.69 -3.43 9.15
N GLY A 398 14.00 -3.01 10.37
CA GLY A 398 13.77 -3.82 11.55
C GLY A 398 15.05 -4.34 12.17
N GLY A 399 14.90 -5.44 12.90
CA GLY A 399 15.97 -5.99 13.71
C GLY A 399 15.59 -5.71 15.15
N GLY A 400 15.40 -6.76 15.94
CA GLY A 400 15.06 -6.61 17.34
C GLY A 400 13.70 -5.97 17.55
N GLU A 401 13.51 -5.39 18.74
CA GLU A 401 12.18 -5.00 19.18
C GLU A 401 11.76 -3.62 18.66
N SER A 402 12.62 -3.00 17.86
CA SER A 402 12.38 -1.73 17.19
C SER A 402 11.08 -1.75 16.36
N ASP A 403 10.43 -0.60 16.27
CA ASP A 403 9.35 -0.35 15.32
C ASP A 403 9.87 -0.76 13.93
N SER A 404 9.10 -1.54 13.20
CA SER A 404 9.54 -1.97 11.89
C SER A 404 8.42 -2.08 10.89
N ALA A 405 8.80 -1.94 9.62
CA ALA A 405 7.89 -2.03 8.50
C ALA A 405 7.10 -3.31 8.50
N LEU A 406 5.79 -3.16 8.32
CA LEU A 406 4.88 -4.28 8.15
C LEU A 406 4.20 -4.27 6.79
N ILE A 407 3.69 -3.11 6.35
CA ILE A 407 3.04 -2.97 5.04
C ILE A 407 3.66 -1.79 4.37
N LEU A 408 4.04 -1.96 3.09
CA LEU A 408 4.65 -0.91 2.29
C LEU A 408 3.77 -0.59 1.09
N TYR A 410 3.78 1.30 -2.58
CA TYR A 410 4.58 1.83 -3.67
C TYR A 410 3.65 2.39 -4.78
N LYS A 411 4.09 3.47 -5.39
CA LYS A 411 3.38 4.07 -6.51
C LYS A 411 4.28 4.09 -7.73
N GLY A 412 3.70 3.80 -8.88
CA GLY A 412 4.45 3.68 -10.10
C GLY A 412 5.26 4.94 -10.43
N PHE A 413 6.44 4.67 -10.96
CA PHE A 413 7.42 5.69 -11.40
C PHE A 413 6.82 6.52 -12.51
N GLY A 414 6.95 7.83 -12.40
CA GLY A 414 6.42 8.76 -13.40
C GLY A 414 4.95 9.17 -13.23
N LEU A 415 4.33 8.72 -12.16
CA LEU A 415 2.96 9.03 -11.80
C LEU A 415 2.93 9.99 -10.61
#